data_5AIG
#
_entry.id   5AIG
#
_cell.length_a   96.460
_cell.length_b   96.460
_cell.length_c   56.940
_cell.angle_alpha   90.00
_cell.angle_beta   90.00
_cell.angle_gamma   120.00
#
_symmetry.space_group_name_H-M   'P 65'
#
loop_
_entity.id
_entity.type
_entity.pdbx_description
1 polymer 'LIMONENE-1,2-EPOXIDE HYDROLASE'
2 non-polymer 2-PROPYLPENTANAMIDE
3 non-polymer 'DIMETHYL SULFOXIDE'
4 water water
#
_entity_poly.entity_id   1
_entity_poly.type   'polypeptide(L)'
_entity_poly.pdbx_seq_one_letter_code
;MTPIETVTAFIAHWNSGDMEAMYDLCAEDVVWHNIPMEPIAGKPAMRAAVEGFMANVSQCDWQVHAIAANGATVLTERTD
GFTFTNGRRATIRVMGTFECDAERRIIAWRDYFDMLEFQREFAGA
;
_entity_poly.pdbx_strand_id   A,B
#
# COMPACT_ATOMS: atom_id res chain seq x y z
N MET A 1 -11.75 -4.32 -22.26
CA MET A 1 -10.72 -4.86 -21.31
CA MET A 1 -10.74 -4.86 -21.30
C MET A 1 -11.24 -4.49 -19.92
N THR A 2 -11.22 -5.44 -19.00
CA THR A 2 -11.63 -5.15 -17.64
C THR A 2 -10.54 -4.38 -16.93
N PRO A 3 -10.89 -3.72 -15.81
CA PRO A 3 -9.86 -3.01 -15.06
C PRO A 3 -8.72 -3.91 -14.64
N ILE A 4 -9.03 -5.09 -14.10
CA ILE A 4 -8.00 -5.98 -13.67
CA ILE A 4 -7.94 -6.02 -13.69
C ILE A 4 -7.07 -6.42 -14.83
N GLU A 5 -7.66 -6.71 -15.99
CA GLU A 5 -6.87 -7.07 -17.17
CA GLU A 5 -6.87 -7.07 -17.16
C GLU A 5 -6.00 -5.92 -17.63
N THR A 6 -6.52 -4.70 -17.54
CA THR A 6 -5.77 -3.51 -17.94
C THR A 6 -4.54 -3.34 -17.06
N VAL A 7 -4.72 -3.43 -15.73
CA VAL A 7 -3.58 -3.28 -14.83
C VAL A 7 -2.58 -4.40 -14.98
N THR A 8 -3.10 -5.62 -15.15
CA THR A 8 -2.23 -6.78 -15.38
C THR A 8 -1.37 -6.58 -16.63
N ALA A 9 -1.98 -6.10 -17.72
CA ALA A 9 -1.24 -5.83 -18.96
C ALA A 9 -0.22 -4.71 -18.75
N PHE A 10 -0.63 -3.67 -18.01
CA PHE A 10 0.27 -2.55 -17.71
C PHE A 10 1.56 -3.01 -17.05
N ILE A 11 1.41 -3.84 -16.01
CA ILE A 11 2.57 -4.41 -15.35
CA ILE A 11 2.58 -4.40 -15.35
C ILE A 11 3.41 -5.27 -16.29
N ALA A 12 2.74 -6.07 -17.12
CA ALA A 12 3.48 -6.88 -18.07
C ALA A 12 4.31 -6.04 -19.05
N HIS A 13 3.78 -4.89 -19.42
CA HIS A 13 4.52 -3.99 -20.31
C HIS A 13 5.75 -3.37 -19.64
N TRP A 14 5.63 -3.03 -18.36
CA TRP A 14 6.82 -2.65 -17.62
C TRP A 14 7.87 -3.76 -17.66
N ASN A 15 7.41 -4.98 -17.43
CA ASN A 15 8.32 -6.11 -17.36
C ASN A 15 8.97 -6.48 -18.69
N SER A 16 8.27 -6.24 -19.80
CA SER A 16 8.86 -6.53 -21.09
C SER A 16 9.64 -5.35 -21.65
N GLY A 17 9.53 -4.18 -21.03
CA GLY A 17 10.10 -2.94 -21.56
C GLY A 17 9.35 -2.36 -22.74
N ASP A 18 8.10 -2.78 -22.96
CA ASP A 18 7.27 -2.21 -24.05
C ASP A 18 6.62 -0.94 -23.53
N MET A 19 7.43 0.11 -23.52
CA MET A 19 7.06 1.35 -22.86
CA MET A 19 7.04 1.34 -22.87
C MET A 19 5.88 2.02 -23.56
N GLU A 20 5.84 1.93 -24.88
CA GLU A 20 4.69 2.51 -25.58
C GLU A 20 3.38 1.77 -25.32
N ALA A 21 3.43 0.46 -25.18
CA ALA A 21 2.22 -0.26 -24.83
C ALA A 21 1.76 0.14 -23.42
N MET A 22 2.73 0.37 -22.53
CA MET A 22 2.47 0.86 -21.17
C MET A 22 1.76 2.21 -21.18
N TYR A 23 2.32 3.16 -21.94
CA TYR A 23 1.68 4.45 -21.98
C TYR A 23 0.32 4.43 -22.63
N ASP A 24 0.16 3.56 -23.63
CA ASP A 24 -1.11 3.48 -24.33
CA ASP A 24 -1.11 3.47 -24.34
C ASP A 24 -2.27 3.04 -23.45
N LEU A 25 -1.98 2.37 -22.33
CA LEU A 25 -3.02 1.97 -21.39
C LEU A 25 -3.42 3.08 -20.43
N CYS A 26 -2.75 4.24 -20.51
CA CYS A 26 -2.99 5.36 -19.64
C CYS A 26 -3.75 6.44 -20.34
N ALA A 27 -4.60 7.14 -19.61
CA ALA A 27 -5.25 8.34 -20.08
C ALA A 27 -4.26 9.44 -20.32
N GLU A 28 -4.63 10.39 -21.20
CA GLU A 28 -3.76 11.52 -21.45
CA GLU A 28 -3.77 11.55 -21.46
C GLU A 28 -3.52 12.39 -20.20
N ASP A 29 -4.51 12.40 -19.30
CA ASP A 29 -4.43 13.17 -18.07
CA ASP A 29 -4.38 13.17 -18.06
C ASP A 29 -4.07 12.29 -16.86
N VAL A 30 -3.48 11.14 -17.10
CA VAL A 30 -3.09 10.24 -15.99
C VAL A 30 -2.29 11.00 -14.94
N VAL A 31 -2.59 10.68 -13.67
CA VAL A 31 -1.80 11.15 -12.54
C VAL A 31 -1.02 9.96 -12.00
N TRP A 32 0.29 10.12 -11.93
CA TRP A 32 1.18 9.09 -11.37
C TRP A 32 1.71 9.65 -10.08
N HIS A 33 1.31 9.05 -8.95
CA HIS A 33 1.66 9.60 -7.63
C HIS A 33 2.36 8.53 -6.82
N ASN A 34 3.68 8.62 -6.74
CA ASN A 34 4.45 7.91 -5.72
C ASN A 34 4.21 8.69 -4.43
N ILE A 35 3.50 8.08 -3.47
CA ILE A 35 2.92 8.80 -2.35
C ILE A 35 3.88 9.72 -1.58
N PRO A 36 5.14 9.33 -1.37
CA PRO A 36 6.06 10.25 -0.69
C PRO A 36 6.50 11.48 -1.48
N MET A 37 6.18 11.50 -2.78
CA MET A 37 6.63 12.51 -3.73
CA MET A 37 6.63 12.52 -3.74
CA MET A 37 6.64 12.51 -3.72
C MET A 37 5.48 13.34 -4.28
N GLU A 38 5.82 14.42 -4.98
CA GLU A 38 4.81 15.21 -5.65
CA GLU A 38 4.81 15.21 -5.63
C GLU A 38 4.15 14.37 -6.74
N PRO A 39 2.84 14.48 -6.89
CA PRO A 39 2.19 13.82 -8.01
C PRO A 39 2.69 14.33 -9.35
N ILE A 40 2.68 13.45 -10.34
CA ILE A 40 3.07 13.80 -11.70
C ILE A 40 1.80 13.83 -12.52
N ALA A 41 1.50 15.00 -13.10
CA ALA A 41 0.21 15.24 -13.70
C ALA A 41 0.29 15.28 -15.21
N GLY A 42 -0.29 14.25 -15.81
CA GLY A 42 -0.44 14.10 -17.24
C GLY A 42 0.59 13.23 -17.90
N LYS A 43 0.22 12.65 -19.05
CA LYS A 43 1.09 11.72 -19.73
C LYS A 43 2.43 12.35 -20.18
N PRO A 44 2.43 13.59 -20.67
CA PRO A 44 3.73 14.19 -21.02
C PRO A 44 4.69 14.26 -19.81
N ALA A 45 4.17 14.68 -18.67
CA ALA A 45 4.98 14.74 -17.47
C ALA A 45 5.37 13.34 -16.98
N MET A 46 4.48 12.39 -17.19
CA MET A 46 4.79 10.98 -16.87
C MET A 46 5.97 10.49 -17.72
N ARG A 47 5.95 10.75 -19.02
CA ARG A 47 7.05 10.35 -19.90
C ARG A 47 8.37 10.88 -19.39
N ALA A 48 8.38 12.16 -18.98
CA ALA A 48 9.63 12.78 -18.53
C ALA A 48 10.08 12.15 -17.21
N ALA A 49 9.14 11.89 -16.32
CA ALA A 49 9.47 11.28 -15.02
C ALA A 49 9.97 9.86 -15.18
N VAL A 50 9.32 9.09 -16.04
CA VAL A 50 9.76 7.74 -16.29
C VAL A 50 11.18 7.73 -16.86
N GLU A 51 11.47 8.64 -17.81
CA GLU A 51 12.83 8.75 -18.37
CA GLU A 51 12.82 8.74 -18.36
C GLU A 51 13.85 8.93 -17.24
N GLY A 52 13.55 9.82 -16.28
CA GLY A 52 14.47 10.04 -15.17
C GLY A 52 14.63 8.82 -14.26
N PHE A 53 13.53 8.20 -13.92
CA PHE A 53 13.57 7.03 -13.00
CA PHE A 53 13.46 7.00 -13.09
C PHE A 53 14.26 5.84 -13.68
N MET A 54 14.15 5.72 -15.01
CA MET A 54 14.66 4.55 -15.74
C MET A 54 16.08 4.76 -16.29
N ALA A 55 16.68 5.92 -16.01
CA ALA A 55 17.96 6.28 -16.59
C ALA A 55 19.02 5.23 -16.29
N ASN A 56 19.04 4.70 -15.07
CA ASN A 56 20.05 3.74 -14.64
CA ASN A 56 20.05 3.74 -14.67
C ASN A 56 19.46 2.33 -14.48
N VAL A 57 18.32 2.09 -15.12
CA VAL A 57 17.63 0.78 -15.05
C VAL A 57 17.66 0.09 -16.41
N SER A 58 18.17 -1.14 -16.40
CA SER A 58 18.20 -1.97 -17.60
CA SER A 58 18.20 -1.98 -17.59
C SER A 58 16.96 -2.86 -17.75
N GLN A 59 16.36 -3.30 -16.63
CA GLN A 59 15.20 -4.16 -16.71
CA GLN A 59 15.19 -4.17 -16.71
C GLN A 59 14.35 -3.98 -15.46
N CYS A 60 13.03 -4.15 -15.62
CA CYS A 60 12.10 -4.24 -14.51
C CYS A 60 11.59 -5.68 -14.38
N ASP A 61 11.38 -6.13 -13.13
CA ASP A 61 10.73 -7.41 -12.86
CA ASP A 61 10.74 -7.41 -12.85
C ASP A 61 9.80 -7.21 -11.68
N TRP A 62 8.59 -6.78 -12.01
CA TRP A 62 7.59 -6.43 -11.02
C TRP A 62 6.63 -7.59 -10.86
N GLN A 63 6.52 -8.08 -9.63
CA GLN A 63 5.73 -9.27 -9.31
CA GLN A 63 5.74 -9.26 -9.30
C GLN A 63 4.50 -8.83 -8.53
N VAL A 64 3.34 -9.25 -9.01
CA VAL A 64 2.06 -8.99 -8.34
C VAL A 64 1.72 -10.17 -7.42
N HIS A 65 1.75 -9.93 -6.12
CA HIS A 65 1.38 -10.94 -5.12
C HIS A 65 -0.11 -11.06 -4.96
N ALA A 66 -0.83 -9.94 -5.02
CA ALA A 66 -2.27 -9.91 -4.89
C ALA A 66 -2.80 -8.78 -5.74
N ILE A 67 -3.97 -9.01 -6.33
CA ILE A 67 -4.68 -8.01 -7.11
C ILE A 67 -6.16 -8.19 -6.89
N ALA A 68 -6.88 -7.09 -6.77
CA ALA A 68 -8.32 -7.13 -6.52
C ALA A 68 -8.91 -5.86 -7.11
N ALA A 69 -10.13 -5.98 -7.58
CA ALA A 69 -10.84 -4.84 -8.17
C ALA A 69 -12.19 -4.67 -7.56
N ASN A 70 -12.58 -3.40 -7.48
CA ASN A 70 -13.94 -3.01 -7.07
C ASN A 70 -14.35 -1.95 -8.09
N GLY A 71 -15.10 -2.37 -9.09
CA GLY A 71 -15.40 -1.47 -10.19
C GLY A 71 -14.15 -0.96 -10.89
N ALA A 72 -14.07 0.36 -11.03
CA ALA A 72 -13.00 1.01 -11.79
C ALA A 72 -11.70 1.10 -10.98
N THR A 73 -11.69 0.66 -9.72
CA THR A 73 -10.49 0.74 -8.89
C THR A 73 -9.87 -0.62 -8.75
N VAL A 74 -8.56 -0.72 -9.01
CA VAL A 74 -7.80 -1.94 -8.89
C VAL A 74 -6.69 -1.71 -7.91
N LEU A 75 -6.60 -2.61 -6.89
CA LEU A 75 -5.57 -2.55 -5.86
CA LEU A 75 -5.56 -2.54 -5.85
C LEU A 75 -4.60 -3.68 -6.04
N THR A 76 -3.33 -3.43 -5.73
CA THR A 76 -2.27 -4.39 -5.93
C THR A 76 -1.33 -4.41 -4.73
N GLU A 77 -0.77 -5.60 -4.50
CA GLU A 77 0.35 -5.81 -3.57
C GLU A 77 1.48 -6.40 -4.43
N ARG A 78 2.65 -5.75 -4.42
CA ARG A 78 3.73 -6.11 -5.36
C ARG A 78 5.09 -6.10 -4.70
N THR A 79 6.03 -6.75 -5.39
CA THR A 79 7.43 -6.48 -5.19
CA THR A 79 7.45 -6.47 -5.21
C THR A 79 7.97 -6.02 -6.54
N ASP A 80 8.47 -4.79 -6.59
CA ASP A 80 9.00 -4.25 -7.82
C ASP A 80 10.51 -4.44 -7.84
N GLY A 81 10.96 -5.35 -8.71
CA GLY A 81 12.37 -5.59 -8.90
C GLY A 81 12.93 -4.79 -10.07
N PHE A 82 14.22 -4.52 -9.96
CA PHE A 82 14.96 -3.77 -10.98
C PHE A 82 16.31 -4.42 -11.16
N THR A 83 16.83 -4.29 -12.37
CA THR A 83 18.22 -4.55 -12.67
C THR A 83 18.81 -3.25 -13.17
N PHE A 84 19.85 -2.76 -12.47
CA PHE A 84 20.49 -1.49 -12.81
C PHE A 84 21.51 -1.70 -13.90
N THR A 85 22.01 -0.58 -14.41
CA THR A 85 22.95 -0.60 -15.50
CA THR A 85 22.91 -0.64 -15.55
C THR A 85 24.17 -1.52 -15.29
N ASN A 86 24.68 -1.56 -14.07
CA ASN A 86 25.81 -2.41 -13.80
C ASN A 86 25.45 -3.88 -13.52
N GLY A 87 24.17 -4.24 -13.59
CA GLY A 87 23.73 -5.60 -13.31
C GLY A 87 23.28 -5.86 -11.88
N ARG A 88 23.51 -4.92 -10.97
CA ARG A 88 23.00 -5.03 -9.60
CA ARG A 88 23.02 -5.13 -9.59
C ARG A 88 21.48 -5.13 -9.66
N ARG A 89 20.90 -5.88 -8.75
CA ARG A 89 19.46 -6.00 -8.67
CA ARG A 89 19.46 -6.00 -8.67
C ARG A 89 18.96 -5.51 -7.33
N ALA A 90 17.74 -5.02 -7.34
CA ALA A 90 17.11 -4.62 -6.12
C ALA A 90 15.60 -4.83 -6.21
N THR A 91 14.98 -4.89 -5.03
CA THR A 91 13.54 -5.02 -4.93
C THR A 91 13.01 -4.01 -3.94
N ILE A 92 11.81 -3.51 -4.24
CA ILE A 92 11.08 -2.60 -3.34
CA ILE A 92 11.08 -2.61 -3.32
C ILE A 92 9.66 -3.11 -3.19
N ARG A 93 9.21 -3.25 -1.94
CA ARG A 93 7.87 -3.71 -1.61
C ARG A 93 6.90 -2.53 -1.74
N VAL A 94 5.79 -2.74 -2.43
CA VAL A 94 4.90 -1.62 -2.76
C VAL A 94 3.47 -2.11 -2.92
N MET A 95 2.53 -1.28 -2.48
CA MET A 95 1.13 -1.49 -2.87
C MET A 95 0.69 -0.31 -3.75
N GLY A 96 -0.17 -0.61 -4.70
CA GLY A 96 -0.65 0.44 -5.61
C GLY A 96 -2.10 0.42 -5.83
N THR A 97 -2.70 1.60 -5.91
CA THR A 97 -4.07 1.81 -6.32
C THR A 97 -4.08 2.38 -7.76
N PHE A 98 -4.91 1.76 -8.57
CA PHE A 98 -5.10 2.22 -9.97
C PHE A 98 -6.57 2.55 -10.12
N GLU A 99 -6.87 3.68 -10.77
CA GLU A 99 -8.23 4.01 -11.14
C GLU A 99 -8.31 4.08 -12.66
N CYS A 100 -9.34 3.49 -13.21
CA CYS A 100 -9.61 3.54 -14.63
C CYS A 100 -10.70 4.53 -14.93
N ASP A 101 -10.58 5.15 -16.13
CA ASP A 101 -11.48 6.21 -16.60
C ASP A 101 -12.64 5.56 -17.36
N ALA A 102 -13.50 6.39 -17.96
CA ALA A 102 -14.69 5.89 -18.64
C ALA A 102 -14.33 5.11 -19.92
N GLU A 103 -13.12 5.35 -20.43
CA GLU A 103 -12.58 4.60 -21.57
CA GLU A 103 -12.57 4.59 -21.57
C GLU A 103 -11.74 3.38 -21.14
N ARG A 104 -11.75 3.07 -19.85
CA ARG A 104 -11.05 1.92 -19.23
CA ARG A 104 -11.07 1.91 -19.26
C ARG A 104 -9.54 2.08 -19.29
N ARG A 105 -9.06 3.33 -19.46
CA ARG A 105 -7.62 3.56 -19.36
CA ARG A 105 -7.62 3.61 -19.39
C ARG A 105 -7.26 4.04 -17.97
N ILE A 106 -6.03 3.82 -17.60
CA ILE A 106 -5.54 4.22 -16.26
C ILE A 106 -5.46 5.71 -16.15
N ILE A 107 -6.21 6.32 -15.23
CA ILE A 107 -6.17 7.72 -15.04
CA ILE A 107 -6.16 7.79 -15.03
C ILE A 107 -5.56 8.15 -13.70
N ALA A 108 -5.38 7.19 -12.78
CA ALA A 108 -4.64 7.46 -11.56
C ALA A 108 -3.88 6.22 -11.15
N TRP A 109 -2.67 6.41 -10.69
CA TRP A 109 -1.80 5.34 -10.22
C TRP A 109 -1.09 5.90 -9.02
N ARG A 110 -1.44 5.37 -7.82
CA ARG A 110 -0.87 5.81 -6.53
C ARG A 110 -0.13 4.66 -5.88
N ASP A 111 1.17 4.78 -5.71
CA ASP A 111 2.01 3.74 -5.11
C ASP A 111 2.49 4.15 -3.74
N TYR A 112 2.35 3.15 -2.82
CA TYR A 112 2.62 3.29 -1.37
C TYR A 112 3.79 2.40 -1.01
N PHE A 113 4.83 3.00 -0.46
CA PHE A 113 6.04 2.30 -0.10
C PHE A 113 6.84 3.17 0.86
N ASP A 114 7.86 2.57 1.43
CA ASP A 114 8.76 3.26 2.33
C ASP A 114 9.81 4.04 1.53
N MET A 115 9.87 5.35 1.71
CA MET A 115 10.82 6.16 0.98
CA MET A 115 10.81 6.17 0.97
C MET A 115 12.24 5.73 1.23
N LEU A 116 12.54 5.34 2.46
CA LEU A 116 13.90 4.90 2.76
CA LEU A 116 13.90 4.90 2.79
C LEU A 116 14.30 3.64 1.98
N GLU A 117 13.35 2.72 1.78
CA GLU A 117 13.57 1.46 1.04
CA GLU A 117 13.65 1.50 1.04
C GLU A 117 13.91 1.86 -0.41
N PHE A 118 13.16 2.82 -0.95
CA PHE A 118 13.42 3.34 -2.31
C PHE A 118 14.78 4.05 -2.42
N GLN A 119 15.04 4.98 -1.49
CA GLN A 119 16.27 5.78 -1.53
CA GLN A 119 16.27 5.77 -1.55
C GLN A 119 17.52 4.90 -1.40
N ARG A 120 17.42 3.83 -0.60
CA ARG A 120 18.56 2.92 -0.42
CA ARG A 120 18.56 2.92 -0.42
C ARG A 120 18.98 2.36 -1.78
N GLU A 121 18.02 2.01 -2.60
CA GLU A 121 18.29 1.32 -3.85
C GLU A 121 18.52 2.20 -5.06
N PHE A 122 17.93 3.39 -5.05
CA PHE A 122 18.04 4.31 -6.19
C PHE A 122 19.06 5.41 -5.92
N ALA A 123 19.80 5.29 -4.81
CA ALA A 123 20.98 6.11 -4.56
C ALA A 123 22.17 5.61 -5.40
N GLY A 124 22.94 6.56 -5.94
CA GLY A 124 24.01 6.26 -6.90
C GLY A 124 23.51 5.48 -8.11
N MET B 1 -19.74 -12.81 8.43
CA MET B 1 -19.37 -11.72 7.53
CA MET B 1 -19.49 -11.73 7.45
C MET B 1 -18.54 -12.18 6.35
N THR B 2 -18.68 -11.52 5.21
CA THR B 2 -17.78 -11.72 4.09
C THR B 2 -16.39 -11.14 4.44
N PRO B 3 -15.34 -11.49 3.65
CA PRO B 3 -14.02 -10.89 3.93
C PRO B 3 -14.04 -9.37 3.94
N ILE B 4 -14.69 -8.75 2.95
CA ILE B 4 -14.76 -7.26 2.90
CA ILE B 4 -14.69 -7.30 2.90
C ILE B 4 -15.45 -6.70 4.10
N GLU B 5 -16.55 -7.36 4.51
CA GLU B 5 -17.25 -6.91 5.70
C GLU B 5 -16.38 -7.02 6.94
N THR B 6 -15.62 -8.11 7.02
CA THR B 6 -14.75 -8.34 8.17
C THR B 6 -13.74 -7.25 8.33
N VAL B 7 -13.07 -6.89 7.20
CA VAL B 7 -12.08 -5.84 7.25
C VAL B 7 -12.72 -4.49 7.56
N THR B 8 -13.89 -4.23 6.96
CA THR B 8 -14.61 -3.00 7.25
C THR B 8 -14.95 -2.88 8.73
N ALA B 9 -15.43 -3.96 9.32
CA ALA B 9 -15.74 -4.00 10.75
C ALA B 9 -14.50 -3.83 11.60
N PHE B 10 -13.40 -4.47 11.22
CA PHE B 10 -12.15 -4.34 11.94
C PHE B 10 -11.73 -2.89 12.06
N ILE B 11 -11.79 -2.18 10.93
CA ILE B 11 -11.48 -0.75 10.89
CA ILE B 11 -11.44 -0.76 10.93
C ILE B 11 -12.44 0.04 11.80
N ALA B 12 -13.73 -0.29 11.70
CA ALA B 12 -14.70 0.38 12.56
C ALA B 12 -14.40 0.19 14.04
N HIS B 13 -13.89 -0.98 14.41
CA HIS B 13 -13.56 -1.23 15.82
C HIS B 13 -12.37 -0.43 16.26
N TRP B 14 -11.35 -0.27 15.41
CA TRP B 14 -10.29 0.67 15.73
C TRP B 14 -10.87 2.06 15.95
N ASN B 15 -11.79 2.47 15.09
CA ASN B 15 -12.34 3.80 15.16
C ASN B 15 -13.21 4.07 16.37
N SER B 16 -13.89 3.04 16.88
CA SER B 16 -14.71 3.22 18.08
C SER B 16 -13.95 2.94 19.35
N GLY B 17 -12.76 2.39 19.28
CA GLY B 17 -12.00 1.94 20.43
C GLY B 17 -12.49 0.62 21.01
N ASP B 18 -13.31 -0.15 20.28
CA ASP B 18 -13.76 -1.48 20.76
C ASP B 18 -12.65 -2.46 20.45
N MET B 19 -11.63 -2.45 21.30
CA MET B 19 -10.41 -3.19 21.03
CA MET B 19 -10.41 -3.20 21.01
C MET B 19 -10.63 -4.70 21.08
N GLU B 20 -11.51 -5.15 22.00
CA GLU B 20 -11.77 -6.59 22.06
CA GLU B 20 -11.95 -6.54 22.13
C GLU B 20 -12.54 -7.05 20.82
N ALA B 21 -13.43 -6.23 20.24
CA ALA B 21 -14.07 -6.64 19.01
C ALA B 21 -13.05 -6.70 17.87
N MET B 22 -12.09 -5.78 17.90
CA MET B 22 -10.98 -5.76 16.92
C MET B 22 -10.18 -7.05 16.99
N TYR B 23 -9.76 -7.43 18.23
CA TYR B 23 -8.97 -8.61 18.34
C TYR B 23 -9.76 -9.88 17.99
N ASP B 24 -11.06 -9.87 18.30
CA ASP B 24 -11.93 -11.03 18.03
CA ASP B 24 -11.89 -11.01 18.05
C ASP B 24 -12.01 -11.38 16.56
N LEU B 25 -11.77 -10.39 15.67
CA LEU B 25 -11.81 -10.64 14.25
C LEU B 25 -10.51 -11.22 13.71
N CYS B 26 -9.50 -11.35 14.59
CA CYS B 26 -8.21 -11.90 14.21
C CYS B 26 -8.02 -13.30 14.69
N ALA B 27 -7.31 -14.11 13.90
CA ALA B 27 -6.90 -15.43 14.30
C ALA B 27 -5.88 -15.38 15.43
N GLU B 28 -5.81 -16.46 16.21
CA GLU B 28 -4.81 -16.50 17.26
CA GLU B 28 -4.79 -16.59 17.25
C GLU B 28 -3.37 -16.39 16.72
N ASP B 29 -3.14 -16.88 15.50
CA ASP B 29 -1.81 -16.85 14.92
CA ASP B 29 -1.79 -16.85 14.92
C ASP B 29 -1.64 -15.71 13.91
N VAL B 30 -2.48 -14.68 14.04
CA VAL B 30 -2.39 -13.49 13.16
C VAL B 30 -0.96 -12.97 13.12
N VAL B 31 -0.56 -12.55 11.90
CA VAL B 31 0.65 -11.77 11.71
C VAL B 31 0.29 -10.35 11.37
N TRP B 32 0.83 -9.40 12.12
CA TRP B 32 0.64 -7.97 11.86
C TRP B 32 1.98 -7.43 11.45
N HIS B 33 2.07 -7.01 10.18
CA HIS B 33 3.34 -6.56 9.62
C HIS B 33 3.20 -5.15 9.06
N ASN B 34 3.69 -4.18 9.78
CA ASN B 34 3.97 -2.84 9.25
C ASN B 34 5.24 -2.98 8.46
N ILE B 35 5.14 -2.86 7.11
CA ILE B 35 6.18 -3.29 6.21
C ILE B 35 7.58 -2.79 6.54
N PRO B 36 7.75 -1.53 6.99
CA PRO B 36 9.10 -1.08 7.37
C PRO B 36 9.69 -1.67 8.64
N MET B 37 8.87 -2.41 9.38
CA MET B 37 9.20 -2.93 10.71
CA MET B 37 9.22 -2.94 10.70
CA MET B 37 9.19 -2.92 10.71
C MET B 37 9.19 -4.45 10.73
N GLU B 38 9.68 -5.03 11.84
CA GLU B 38 9.63 -6.47 12.00
CA GLU B 38 9.60 -6.45 12.02
C GLU B 38 8.16 -6.92 12.12
N PRO B 39 7.81 -8.03 11.46
CA PRO B 39 6.47 -8.58 11.66
C PRO B 39 6.24 -8.97 13.12
N ILE B 40 5.00 -8.87 13.54
CA ILE B 40 4.55 -9.25 14.87
CA ILE B 40 4.56 -9.26 14.87
C ILE B 40 3.75 -10.53 14.73
N ALA B 41 4.19 -11.60 15.41
CA ALA B 41 3.65 -12.92 15.18
C ALA B 41 2.80 -13.38 16.36
N GLY B 42 1.51 -13.48 16.12
CA GLY B 42 0.52 -14.02 17.05
C GLY B 42 -0.22 -12.96 17.79
N LYS B 43 -1.43 -13.32 18.24
CA LYS B 43 -2.27 -12.36 18.90
C LYS B 43 -1.70 -11.83 20.22
N PRO B 44 -1.09 -12.69 21.07
CA PRO B 44 -0.45 -12.13 22.29
C PRO B 44 0.61 -11.03 21.98
N ALA B 45 1.47 -11.27 21.00
CA ALA B 45 2.44 -10.27 20.58
C ALA B 45 1.77 -9.04 19.98
N MET B 46 0.70 -9.27 19.25
CA MET B 46 -0.07 -8.14 18.69
C MET B 46 -0.61 -7.28 19.80
N ARG B 47 -1.17 -7.90 20.85
CA ARG B 47 -1.71 -7.11 21.97
C ARG B 47 -0.63 -6.24 22.57
N ALA B 48 0.56 -6.79 22.77
CA ALA B 48 1.64 -6.00 23.36
C ALA B 48 2.05 -4.85 22.44
N ALA B 49 2.13 -5.13 21.16
CA ALA B 49 2.54 -4.11 20.20
C ALA B 49 1.50 -2.99 20.10
N VAL B 50 0.23 -3.36 20.09
CA VAL B 50 -0.86 -2.37 20.03
C VAL B 50 -0.79 -1.50 21.29
N GLU B 51 -0.60 -2.09 22.46
CA GLU B 51 -0.47 -1.32 23.70
CA GLU B 51 -0.48 -1.32 23.71
C GLU B 51 0.61 -0.24 23.51
N GLY B 52 1.76 -0.61 22.96
CA GLY B 52 2.86 0.36 22.79
C GLY B 52 2.50 1.46 21.80
N PHE B 53 1.92 1.07 20.67
CA PHE B 53 1.49 1.96 19.60
CA PHE B 53 1.57 2.05 19.63
C PHE B 53 0.47 2.99 20.09
N MET B 54 -0.43 2.50 20.95
CA MET B 54 -1.59 3.28 21.36
C MET B 54 -1.36 4.06 22.66
N ALA B 55 -0.15 3.97 23.23
CA ALA B 55 0.10 4.57 24.54
C ALA B 55 -0.21 6.07 24.56
N ASN B 56 0.12 6.79 23.48
CA ASN B 56 -0.12 8.22 23.40
CA ASN B 56 -0.07 8.25 23.36
C ASN B 56 -1.25 8.59 22.46
N VAL B 57 -2.12 7.62 22.18
CA VAL B 57 -3.25 7.83 21.28
C VAL B 57 -4.57 7.76 22.05
N SER B 58 -5.40 8.79 21.90
CA SER B 58 -6.73 8.79 22.50
CA SER B 58 -6.74 8.81 22.50
CA SER B 58 -6.75 8.85 22.48
C SER B 58 -7.82 8.27 21.56
N GLN B 59 -7.69 8.49 20.25
CA GLN B 59 -8.69 8.05 19.31
CA GLN B 59 -8.69 8.03 19.30
C GLN B 59 -8.04 7.76 17.95
N CYS B 60 -8.64 6.83 17.23
CA CYS B 60 -8.32 6.58 15.82
C CYS B 60 -9.48 7.04 14.97
N ASP B 61 -9.15 7.55 13.78
CA ASP B 61 -10.15 7.84 12.76
CA ASP B 61 -10.11 7.90 12.76
C ASP B 61 -9.54 7.46 11.40
N TRP B 62 -9.68 6.19 11.08
CA TRP B 62 -9.11 5.59 9.88
C TRP B 62 -10.18 5.57 8.81
N GLN B 63 -9.87 6.17 7.67
CA GLN B 63 -10.79 6.32 6.54
CA GLN B 63 -10.79 6.31 6.56
C GLN B 63 -10.36 5.41 5.42
N VAL B 64 -11.29 4.59 4.94
CA VAL B 64 -11.06 3.73 3.81
C VAL B 64 -11.49 4.44 2.53
N HIS B 65 -10.54 4.74 1.65
CA HIS B 65 -10.80 5.35 0.34
C HIS B 65 -11.23 4.33 -0.68
N ALA B 66 -10.65 3.13 -0.62
CA ALA B 66 -10.95 2.05 -1.55
C ALA B 66 -10.74 0.73 -0.84
N ILE B 67 -11.58 -0.24 -1.20
CA ILE B 67 -11.46 -1.59 -0.68
C ILE B 67 -11.86 -2.56 -1.77
N ALA B 68 -11.19 -3.68 -1.88
CA ALA B 68 -11.48 -4.66 -2.92
C ALA B 68 -11.04 -6.02 -2.41
N ALA B 69 -11.71 -7.06 -2.88
CA ALA B 69 -11.38 -8.42 -2.46
C ALA B 69 -11.17 -9.35 -3.64
N ASN B 70 -10.27 -10.30 -3.47
CA ASN B 70 -10.13 -11.45 -4.34
C ASN B 70 -10.17 -12.66 -3.44
N GLY B 71 -11.35 -13.24 -3.30
CA GLY B 71 -11.52 -14.32 -2.34
C GLY B 71 -11.18 -13.89 -0.92
N ALA B 72 -10.27 -14.62 -0.29
CA ALA B 72 -9.92 -14.37 1.09
C ALA B 72 -8.94 -13.23 1.32
N THR B 73 -8.49 -12.61 0.24
CA THR B 73 -7.57 -11.49 0.33
C THR B 73 -8.31 -10.19 0.08
N VAL B 74 -8.16 -9.22 1.00
CA VAL B 74 -8.81 -7.95 0.91
C VAL B 74 -7.74 -6.88 0.95
N LEU B 75 -7.80 -5.95 -0.04
CA LEU B 75 -6.85 -4.86 -0.14
CA LEU B 75 -6.84 -4.86 -0.13
C LEU B 75 -7.57 -3.54 0.16
N THR B 76 -6.82 -2.60 0.73
CA THR B 76 -7.35 -1.30 1.14
C THR B 76 -6.40 -0.18 0.79
N GLU B 77 -7.03 0.97 0.54
CA GLU B 77 -6.34 2.27 0.46
C GLU B 77 -6.96 3.17 1.53
N ARG B 78 -6.13 3.73 2.40
CA ARG B 78 -6.65 4.40 3.60
C ARG B 78 -5.88 5.65 3.92
N THR B 79 -6.50 6.50 4.74
CA THR B 79 -5.80 7.50 5.52
C THR B 79 -6.10 7.23 6.97
N ASP B 80 -5.07 6.90 7.74
CA ASP B 80 -5.25 6.55 9.15
C ASP B 80 -4.98 7.82 9.97
N GLY B 81 -6.08 8.37 10.51
CA GLY B 81 -6.00 9.50 11.41
C GLY B 81 -5.91 9.06 12.87
N PHE B 82 -5.29 9.92 13.65
CA PHE B 82 -5.14 9.72 15.09
C PHE B 82 -5.38 11.02 15.81
N THR B 83 -5.89 10.90 17.04
CA THR B 83 -5.87 11.99 18.00
C THR B 83 -5.00 11.53 19.14
N PHE B 84 -3.94 12.29 19.41
CA PHE B 84 -3.01 11.96 20.46
C PHE B 84 -3.53 12.43 21.80
N THR B 85 -2.85 12.04 22.87
CA THR B 85 -3.30 12.35 24.21
CA THR B 85 -3.21 12.37 24.23
C THR B 85 -3.51 13.84 24.48
N ASN B 86 -2.71 14.69 23.87
CA ASN B 86 -2.92 16.12 24.06
C ASN B 86 -3.95 16.75 23.14
N GLY B 87 -4.57 15.94 22.27
CA GLY B 87 -5.56 16.43 21.34
C GLY B 87 -5.03 16.76 19.97
N ARG B 88 -3.73 16.76 19.78
CA ARG B 88 -3.14 16.93 18.44
CA ARG B 88 -3.24 17.01 18.44
C ARG B 88 -3.66 15.83 17.54
N ARG B 89 -3.86 16.18 16.26
CA ARG B 89 -4.31 15.18 15.31
CA ARG B 89 -4.33 15.20 15.28
C ARG B 89 -3.30 15.04 14.19
N ALA B 90 -3.23 13.84 13.63
CA ALA B 90 -2.35 13.58 12.48
C ALA B 90 -2.96 12.51 11.64
N THR B 91 -2.46 12.45 10.41
CA THR B 91 -2.88 11.43 9.45
C THR B 91 -1.65 10.78 8.80
N ILE B 92 -1.79 9.51 8.47
CA ILE B 92 -0.78 8.78 7.70
CA ILE B 92 -0.77 8.75 7.72
C ILE B 92 -1.47 8.02 6.59
N ARG B 93 -0.97 8.21 5.37
CA ARG B 93 -1.48 7.53 4.18
C ARG B 93 -0.93 6.10 4.11
N VAL B 94 -1.82 5.13 3.89
CA VAL B 94 -1.42 3.73 3.99
C VAL B 94 -2.27 2.86 3.10
N MET B 95 -1.64 1.83 2.52
CA MET B 95 -2.40 0.76 1.92
C MET B 95 -2.15 -0.52 2.72
N GLY B 96 -3.18 -1.36 2.79
CA GLY B 96 -3.03 -2.62 3.53
C GLY B 96 -3.62 -3.79 2.85
N THR B 97 -2.94 -4.92 2.99
CA THR B 97 -3.42 -6.22 2.55
C THR B 97 -3.81 -7.02 3.80
N PHE B 98 -5.01 -7.60 3.72
CA PHE B 98 -5.56 -8.47 4.77
C PHE B 98 -5.80 -9.84 4.16
N GLU B 99 -5.39 -10.89 4.85
CA GLU B 99 -5.72 -12.25 4.47
CA GLU B 99 -5.74 -12.23 4.43
C GLU B 99 -6.61 -12.81 5.53
N CYS B 100 -7.69 -13.47 5.10
CA CYS B 100 -8.61 -14.16 6.00
C CYS B 100 -8.41 -15.67 5.89
N ASP B 101 -8.63 -16.34 7.02
CA ASP B 101 -8.49 -17.77 7.14
C ASP B 101 -9.82 -18.43 6.76
N ALA B 102 -9.88 -19.73 6.96
CA ALA B 102 -11.06 -20.49 6.55
C ALA B 102 -12.28 -20.15 7.40
N GLU B 103 -12.04 -19.63 8.62
CA GLU B 103 -13.08 -19.16 9.53
CA GLU B 103 -13.17 -19.19 9.44
C GLU B 103 -13.41 -17.67 9.30
N ARG B 104 -12.82 -17.10 8.25
CA ARG B 104 -13.00 -15.69 7.91
CA ARG B 104 -12.90 -15.69 7.87
C ARG B 104 -12.46 -14.74 8.99
N ARG B 105 -11.50 -15.21 9.80
CA ARG B 105 -10.79 -14.29 10.66
CA ARG B 105 -10.74 -14.36 10.71
C ARG B 105 -9.50 -13.82 9.97
N ILE B 106 -9.03 -12.67 10.39
CA ILE B 106 -7.83 -12.07 9.82
C ILE B 106 -6.61 -12.82 10.31
N ILE B 107 -5.85 -13.40 9.37
CA ILE B 107 -4.64 -14.12 9.73
CA ILE B 107 -4.66 -14.17 9.67
C ILE B 107 -3.37 -13.41 9.29
N ALA B 108 -3.50 -12.40 8.41
CA ALA B 108 -2.36 -11.55 8.09
C ALA B 108 -2.86 -10.15 7.79
N TRP B 109 -2.08 -9.18 8.21
CA TRP B 109 -2.37 -7.76 7.96
C TRP B 109 -1.05 -7.09 7.72
N ARG B 110 -0.84 -6.66 6.44
CA ARG B 110 0.41 -6.01 6.01
C ARG B 110 0.11 -4.59 5.56
N ASP B 111 0.68 -3.60 6.24
CA ASP B 111 0.47 -2.21 5.92
C ASP B 111 1.72 -1.58 5.35
N TYR B 112 1.48 -0.83 4.24
CA TYR B 112 2.50 -0.20 3.39
C TYR B 112 2.35 1.31 3.48
N PHE B 113 3.43 1.97 3.91
CA PHE B 113 3.43 3.40 4.13
C PHE B 113 4.88 3.87 4.20
N ASP B 114 5.03 5.19 4.20
CA ASP B 114 6.35 5.82 4.28
C ASP B 114 6.75 5.93 5.76
N MET B 115 7.87 5.30 6.12
CA MET B 115 8.31 5.33 7.51
CA MET B 115 8.31 5.31 7.52
C MET B 115 8.54 6.73 8.01
N LEU B 116 9.04 7.60 7.17
CA LEU B 116 9.26 8.98 7.58
CA LEU B 116 9.26 8.97 7.62
C LEU B 116 7.95 9.69 7.96
N GLU B 117 6.86 9.41 7.22
CA GLU B 117 5.54 9.97 7.44
CA GLU B 117 5.61 10.06 7.53
C GLU B 117 5.08 9.52 8.85
N PHE B 118 5.32 8.25 9.14
CA PHE B 118 5.00 7.66 10.46
C PHE B 118 5.85 8.28 11.58
N GLN B 119 7.17 8.33 11.38
CA GLN B 119 8.09 8.84 12.39
CA GLN B 119 8.06 8.85 12.43
C GLN B 119 7.81 10.32 12.71
N ARG B 120 7.43 11.10 11.70
CA ARG B 120 7.13 12.53 11.89
CA ARG B 120 7.11 12.53 11.87
C ARG B 120 6.04 12.68 12.94
N GLU B 121 5.01 11.84 12.83
CA GLU B 121 3.84 11.97 13.68
C GLU B 121 3.87 11.26 15.02
N PHE B 122 4.63 10.16 15.08
CA PHE B 122 4.71 9.35 16.29
C PHE B 122 6.01 9.63 17.06
N ALA B 123 6.76 10.66 16.63
CA ALA B 123 7.86 11.23 17.42
C ALA B 123 7.34 12.16 18.53
N GLY B 124 8.04 12.16 19.66
CA GLY B 124 7.78 13.15 20.70
C GLY B 124 8.90 13.24 21.72
#